data_7EAO
#
_entry.id   7EAO
#
_cell.length_a   95.638
_cell.length_b   81.851
_cell.length_c   61.056
_cell.angle_alpha   90.00
_cell.angle_beta   109.39
_cell.angle_gamma   90.00
#
_symmetry.space_group_name_H-M   'C 1 2 1'
#
loop_
_entity.id
_entity.type
_entity.pdbx_description
1 polymer Polyubiquitin-C
2 polymer 'TNFAIP3-interacting protein 1'
#
loop_
_entity_poly.entity_id
_entity_poly.type
_entity_poly.pdbx_seq_one_letter_code
_entity_poly.pdbx_strand_id
1 'polypeptide(L)'
;MQIFVKTLTGKTITLEVEPSDTIENVKAKIQDKEGIPPDQQRLIFAGKQLEDGRTLSDYNIQKESTLHLVLRLRGGMQIF
VKTLTGKTITLEVEPSDTIENVKAKIQDKEGIPPDQQRLIFAGKQLEDGRTLSDYNIQKESTLHLVLRLRGGMQIFVKTL
TGKTITLEVEPSDTIENVKAKIQDKEGIPPDQQRLIFAGKQLEDGRTLSDYNIQKESTLHLVLRLRGG
;
A
2 'polypeptide(L)'
;EIQRLNKALEEALSIQTPPSSPPTAFGSPEGAGALLRKQELVTQNELLKQQVKIFEEDFQRERSDRERMNEEKEELKKQV
EKLQAQVTLSNTQLKAFKD
;
B,C
#
# COMPACT_ATOMS: atom_id res chain seq x y z
N MET A 1 -15.96 16.09 23.86
CA MET A 1 -15.03 15.21 24.57
C MET A 1 -13.81 14.89 23.72
N GLN A 2 -12.63 15.15 24.27
CA GLN A 2 -11.37 14.93 23.57
C GLN A 2 -10.70 13.67 24.08
N ILE A 3 -10.15 12.89 23.15
CA ILE A 3 -9.40 11.68 23.50
C ILE A 3 -8.07 11.71 22.77
N PHE A 4 -7.05 11.13 23.42
CA PHE A 4 -5.71 11.07 22.88
C PHE A 4 -5.45 9.69 22.29
N VAL A 5 -4.73 9.65 21.17
CA VAL A 5 -4.29 8.42 20.54
C VAL A 5 -2.82 8.58 20.21
N LYS A 6 -1.96 7.81 20.88
CA LYS A 6 -0.54 7.87 20.63
C LYS A 6 -0.08 6.60 19.91
N THR A 7 0.91 6.76 19.04
CA THR A 7 1.59 5.64 18.44
C THR A 7 2.76 5.23 19.31
N LEU A 8 3.33 4.04 19.05
CA LEU A 8 4.48 3.59 19.83
C LEU A 8 5.69 4.48 19.60
N THR A 9 5.75 5.20 18.47
CA THR A 9 6.90 6.04 18.17
C THR A 9 6.86 7.38 18.91
N GLY A 10 5.69 7.84 19.33
CA GLY A 10 5.61 9.08 20.09
C GLY A 10 4.59 10.06 19.53
N LYS A 11 4.14 9.81 18.29
CA LYS A 11 3.16 10.68 17.66
C LYS A 11 1.82 10.61 18.37
N THR A 12 1.20 11.77 18.57
CA THR A 12 -0.10 11.90 19.20
C THR A 12 -1.09 12.49 18.21
N ILE A 13 -2.37 12.10 18.36
CA ILE A 13 -3.48 12.73 17.69
C ILE A 13 -4.61 12.91 18.71
N THR A 14 -5.40 13.96 18.52
CA THR A 14 -6.50 14.28 19.41
C THR A 14 -7.81 14.22 18.62
N LEU A 15 -8.78 13.46 19.15
CA LEU A 15 -10.04 13.25 18.45
C LEU A 15 -11.22 13.64 19.33
N GLU A 16 -12.20 14.29 18.71
CA GLU A 16 -13.48 14.55 19.38
C GLU A 16 -14.34 13.30 19.24
N VAL A 17 -14.65 12.65 20.35
CA VAL A 17 -15.43 11.42 20.35
C VAL A 17 -16.50 11.49 21.41
N GLU A 18 -17.68 10.97 21.10
CA GLU A 18 -18.71 10.84 22.11
C GLU A 18 -18.64 9.44 22.73
N PRO A 19 -18.92 9.31 24.03
CA PRO A 19 -18.80 7.99 24.67
C PRO A 19 -19.64 6.92 24.01
N SER A 20 -20.71 7.30 23.30
CA SER A 20 -21.55 6.33 22.62
C SER A 20 -20.89 5.73 21.39
N ASP A 21 -19.80 6.31 20.91
CA ASP A 21 -19.17 5.85 19.68
C ASP A 21 -18.60 4.45 19.85
N THR A 22 -18.62 3.69 18.75
CA THR A 22 -17.97 2.40 18.71
C THR A 22 -16.52 2.55 18.26
N ILE A 23 -15.73 1.50 18.48
CA ILE A 23 -14.32 1.53 18.10
C ILE A 23 -14.17 1.71 16.59
N GLU A 24 -15.17 1.24 15.82
CA GLU A 24 -15.16 1.47 14.38
C GLU A 24 -15.25 2.96 14.05
N ASN A 25 -16.06 3.71 14.82
CA ASN A 25 -16.15 5.15 14.60
C ASN A 25 -14.81 5.82 14.86
N VAL A 26 -14.10 5.39 15.91
CA VAL A 26 -12.80 5.99 16.22
C VAL A 26 -11.78 5.63 15.15
N LYS A 27 -11.81 4.39 14.66
CA LYS A 27 -10.93 4.03 13.55
C LYS A 27 -11.24 4.82 12.29
N ALA A 28 -12.53 5.14 12.07
CA ALA A 28 -12.89 5.99 10.94
C ALA A 28 -12.35 7.40 11.11
N LYS A 29 -12.43 7.94 12.33
CA LYS A 29 -11.83 9.26 12.57
C LYS A 29 -10.32 9.23 12.37
N ILE A 30 -9.69 8.12 12.77
CA ILE A 30 -8.23 8.00 12.62
C ILE A 30 -7.86 7.93 11.15
N GLN A 31 -8.60 7.18 10.33
CA GLN A 31 -8.30 7.19 8.90
C GLN A 31 -8.61 8.55 8.28
N ASP A 32 -9.63 9.26 8.81
CA ASP A 32 -9.93 10.60 8.33
C ASP A 32 -8.74 11.53 8.51
N LYS A 33 -8.13 11.51 9.69
CA LYS A 33 -7.01 12.38 9.98
C LYS A 33 -5.65 11.71 9.78
N GLU A 34 -5.62 10.54 9.15
CA GLU A 34 -4.40 9.73 9.16
C GLU A 34 -4.18 9.00 7.84
N GLY A 35 -5.27 8.62 7.15
CA GLY A 35 -5.20 7.84 5.95
C GLY A 35 -5.13 6.35 6.17
N ILE A 36 -4.61 5.91 7.32
CA ILE A 36 -4.45 4.49 7.64
C ILE A 36 -5.81 3.81 7.66
N PRO A 37 -6.02 2.77 6.85
CA PRO A 37 -7.34 2.13 6.80
C PRO A 37 -7.65 1.39 8.09
N PRO A 38 -8.93 1.21 8.42
CA PRO A 38 -9.28 0.59 9.71
C PRO A 38 -8.86 -0.86 9.83
N ASP A 39 -8.80 -1.61 8.73
CA ASP A 39 -8.40 -3.01 8.81
C ASP A 39 -6.91 -3.20 9.10
N GLN A 40 -6.16 -2.11 9.27
CA GLN A 40 -4.75 -2.19 9.60
C GLN A 40 -4.41 -1.56 10.95
N GLN A 41 -5.39 -1.00 11.65
CA GLN A 41 -5.14 -0.36 12.93
C GLN A 41 -5.85 -1.13 14.04
N ARG A 42 -5.14 -1.34 15.14
CA ARG A 42 -5.71 -1.91 16.36
C ARG A 42 -5.52 -0.90 17.48
N LEU A 43 -6.59 -0.64 18.22
CA LEU A 43 -6.58 0.34 19.29
C LEU A 43 -6.41 -0.36 20.63
N ILE A 44 -5.57 0.23 21.48
CA ILE A 44 -5.12 -0.37 22.73
C ILE A 44 -5.47 0.55 23.88
N PHE A 45 -5.97 -0.04 24.97
CA PHE A 45 -6.27 0.71 26.18
C PHE A 45 -5.78 -0.09 27.38
N ALA A 46 -4.86 0.50 28.14
CA ALA A 46 -4.35 -0.06 29.39
C ALA A 46 -3.80 -1.49 29.21
N GLY A 47 -3.49 -1.87 27.98
CA GLY A 47 -2.82 -3.12 27.66
C GLY A 47 -3.55 -3.96 26.64
N LYS A 48 -4.88 -3.74 26.49
CA LYS A 48 -5.74 -4.64 25.73
C LYS A 48 -6.19 -4.02 24.42
N GLN A 49 -6.30 -4.87 23.39
CA GLN A 49 -6.86 -4.44 22.12
C GLN A 49 -8.38 -4.36 22.21
N LEU A 50 -8.91 -3.15 22.11
CA LEU A 50 -10.36 -2.97 22.13
C LEU A 50 -10.96 -3.63 20.89
N GLU A 51 -12.09 -4.30 21.09
CA GLU A 51 -12.75 -5.05 20.04
C GLU A 51 -13.83 -4.18 19.39
N ASP A 52 -13.93 -4.28 18.07
CA ASP A 52 -14.90 -3.49 17.32
C ASP A 52 -16.32 -3.81 17.77
N GLY A 53 -17.24 -2.90 17.48
CA GLY A 53 -18.64 -3.03 17.85
C GLY A 53 -18.95 -2.55 19.25
N ARG A 54 -18.07 -2.85 20.20
CA ARG A 54 -18.25 -2.35 21.56
C ARG A 54 -17.96 -0.86 21.61
N THR A 55 -18.70 -0.15 22.45
CA THR A 55 -18.58 1.31 22.54
C THR A 55 -17.51 1.71 23.53
N LEU A 56 -17.17 3.00 23.52
CA LEU A 56 -16.18 3.52 24.44
C LEU A 56 -16.63 3.38 25.90
N SER A 57 -17.94 3.43 26.14
CA SER A 57 -18.45 3.34 27.50
C SER A 57 -18.32 1.93 28.06
N ASP A 58 -18.25 0.92 27.18
CA ASP A 58 -17.98 -0.44 27.65
C ASP A 58 -16.61 -0.57 28.29
N TYR A 59 -15.70 0.36 28.00
CA TYR A 59 -14.33 0.31 28.51
C TYR A 59 -14.01 1.48 29.43
N ASN A 60 -15.02 2.13 30.00
CA ASN A 60 -14.84 3.20 30.98
C ASN A 60 -14.00 4.35 30.45
N ILE A 61 -14.14 4.67 29.16
CA ILE A 61 -13.42 5.80 28.59
C ILE A 61 -14.13 7.09 29.01
N GLN A 62 -13.41 7.96 29.70
CA GLN A 62 -13.82 9.31 29.98
C GLN A 62 -12.90 10.26 29.21
N LYS A 63 -13.09 11.57 29.40
CA LYS A 63 -12.23 12.52 28.73
C LYS A 63 -10.81 12.43 29.28
N GLU A 64 -9.87 12.94 28.49
CA GLU A 64 -8.43 12.95 28.76
C GLU A 64 -7.80 11.56 28.69
N SER A 65 -8.57 10.52 28.35
CA SER A 65 -8.00 9.18 28.27
C SER A 65 -7.00 9.09 27.12
N THR A 66 -6.23 8.01 27.12
CA THR A 66 -5.21 7.79 26.11
C THR A 66 -5.32 6.36 25.58
N LEU A 67 -5.53 6.24 24.27
CA LEU A 67 -5.45 4.99 23.55
C LEU A 67 -4.15 4.95 22.76
N HIS A 68 -3.79 3.75 22.32
CA HIS A 68 -2.58 3.52 21.53
C HIS A 68 -2.95 2.90 20.20
N LEU A 69 -2.40 3.45 19.12
CA LEU A 69 -2.56 2.89 17.79
C LEU A 69 -1.42 1.92 17.52
N VAL A 70 -1.75 0.74 17.01
CA VAL A 70 -0.76 -0.20 16.51
C VAL A 70 -1.15 -0.60 15.09
N LEU A 71 -0.22 -0.42 14.16
CA LEU A 71 -0.48 -0.79 12.77
C LEU A 71 -0.26 -2.29 12.57
N ARG A 72 -1.12 -2.88 11.76
CA ARG A 72 -0.89 -4.26 11.33
C ARG A 72 0.07 -4.28 10.15
N LEU A 73 0.62 -5.46 9.89
CA LEU A 73 1.47 -5.63 8.72
C LEU A 73 0.68 -5.75 7.43
N ARG A 74 -0.65 -5.85 7.50
CA ARG A 74 -1.49 -6.06 6.33
C ARG A 74 -2.94 -5.83 6.70
N GLY A 75 -3.77 -5.70 5.67
CA GLY A 75 -5.20 -5.65 5.83
C GLY A 75 -5.85 -6.94 5.36
N GLY A 76 -7.01 -6.83 4.72
CA GLY A 76 -7.73 -8.01 4.27
C GLY A 76 -7.66 -8.24 2.77
N MET A 77 -7.24 -7.23 2.02
CA MET A 77 -7.18 -7.34 0.56
C MET A 77 -5.89 -6.72 0.04
N GLN A 78 -5.17 -7.49 -0.77
CA GLN A 78 -3.97 -7.03 -1.44
C GLN A 78 -4.06 -7.35 -2.92
N ILE A 79 -3.48 -6.48 -3.74
CA ILE A 79 -3.32 -6.74 -5.17
C ILE A 79 -1.85 -6.58 -5.53
N PHE A 80 -1.50 -7.03 -6.72
CA PHE A 80 -0.13 -6.99 -7.21
C PHE A 80 -0.03 -5.98 -8.34
N VAL A 81 1.02 -5.16 -8.30
CA VAL A 81 1.26 -4.15 -9.31
C VAL A 81 2.63 -4.42 -9.91
N LYS A 82 2.67 -4.67 -11.22
CA LYS A 82 3.91 -4.92 -11.94
C LYS A 82 4.31 -3.68 -12.72
N THR A 83 5.61 -3.42 -12.77
CA THR A 83 6.19 -2.31 -13.50
C THR A 83 6.88 -2.82 -14.77
N LEU A 84 7.33 -1.89 -15.61
CA LEU A 84 8.15 -2.27 -16.75
C LEU A 84 9.48 -2.85 -16.30
N THR A 85 10.05 -2.31 -15.22
CA THR A 85 11.16 -2.98 -14.55
C THR A 85 10.64 -4.25 -13.89
N GLY A 86 11.54 -4.96 -13.21
CA GLY A 86 11.19 -6.27 -12.71
C GLY A 86 10.63 -6.31 -11.30
N LYS A 87 10.19 -5.17 -10.77
CA LYS A 87 9.76 -5.10 -9.38
C LYS A 87 8.24 -5.25 -9.30
N THR A 88 7.78 -6.08 -8.36
CA THR A 88 6.36 -6.28 -8.11
C THR A 88 6.02 -5.72 -6.73
N ILE A 89 4.87 -5.03 -6.66
CA ILE A 89 4.43 -4.35 -5.45
C ILE A 89 3.19 -5.06 -4.94
N THR A 90 3.24 -5.51 -3.69
CA THR A 90 2.06 -6.04 -3.00
C THR A 90 1.40 -4.87 -2.29
N LEU A 91 0.32 -4.36 -2.86
CA LEU A 91 -0.35 -3.17 -2.37
C LEU A 91 -1.59 -3.57 -1.57
N GLU A 92 -1.67 -3.07 -0.34
CA GLU A 92 -2.86 -3.25 0.49
C GLU A 92 -3.93 -2.26 0.04
N VAL A 93 -5.11 -2.77 -0.31
CA VAL A 93 -6.20 -1.92 -0.77
C VAL A 93 -7.49 -2.34 -0.07
N GLU A 94 -8.41 -1.41 0.03
CA GLU A 94 -9.77 -1.75 0.37
C GLU A 94 -10.56 -1.98 -0.92
N PRO A 95 -11.58 -2.84 -0.90
CA PRO A 95 -12.39 -3.03 -2.12
C PRO A 95 -13.16 -1.79 -2.51
N SER A 96 -13.55 -0.95 -1.56
CA SER A 96 -14.24 0.30 -1.85
C SER A 96 -13.30 1.41 -2.32
N ASP A 97 -12.07 1.08 -2.68
CA ASP A 97 -11.08 2.10 -3.00
C ASP A 97 -11.27 2.60 -4.43
N THR A 98 -11.18 3.92 -4.59
CA THR A 98 -11.12 4.51 -5.92
C THR A 98 -9.71 4.34 -6.50
N ILE A 99 -9.61 4.50 -7.81
CA ILE A 99 -8.31 4.36 -8.46
C ILE A 99 -7.36 5.46 -8.02
N GLU A 100 -7.88 6.65 -7.71
CA GLU A 100 -7.04 7.71 -7.17
C GLU A 100 -6.56 7.37 -5.77
N ASN A 101 -7.41 6.76 -4.95
CA ASN A 101 -6.98 6.34 -3.63
C ASN A 101 -5.90 5.26 -3.72
N VAL A 102 -6.04 4.35 -4.70
CA VAL A 102 -5.02 3.33 -4.92
C VAL A 102 -3.71 3.99 -5.36
N LYS A 103 -3.80 4.99 -6.24
CA LYS A 103 -2.58 5.69 -6.67
C LYS A 103 -1.95 6.46 -5.53
N ALA A 104 -2.76 6.98 -4.60
CA ALA A 104 -2.20 7.64 -3.42
C ALA A 104 -1.50 6.64 -2.51
N LYS A 105 -2.05 5.43 -2.38
CA LYS A 105 -1.35 4.39 -1.64
C LYS A 105 -0.04 4.02 -2.31
N ILE A 106 -0.03 3.96 -3.65
CA ILE A 106 1.20 3.73 -4.39
C ILE A 106 2.20 4.85 -4.13
N GLN A 107 1.71 6.09 -4.01
CA GLN A 107 2.59 7.21 -3.70
C GLN A 107 3.21 7.07 -2.32
N ASP A 108 2.41 6.68 -1.32
CA ASP A 108 2.96 6.48 0.01
C ASP A 108 3.99 5.35 0.02
N LYS A 109 3.74 4.32 -0.78
CA LYS A 109 4.68 3.19 -0.78
C LYS A 109 5.98 3.54 -1.50
N GLU A 110 5.90 3.97 -2.77
CA GLU A 110 7.09 4.17 -3.59
C GLU A 110 7.43 5.62 -3.88
N GLY A 111 6.49 6.56 -3.70
CA GLY A 111 6.80 7.97 -3.82
C GLY A 111 6.32 8.66 -5.09
N ILE A 112 5.75 7.93 -6.04
CA ILE A 112 5.39 8.55 -7.32
C ILE A 112 4.14 9.40 -7.12
N PRO A 113 4.13 10.66 -7.56
CA PRO A 113 2.89 11.43 -7.60
C PRO A 113 1.84 10.72 -8.44
N PRO A 114 0.59 10.68 -7.99
CA PRO A 114 -0.44 9.91 -8.71
C PRO A 114 -0.70 10.40 -10.12
N ASP A 115 -0.53 11.69 -10.41
CA ASP A 115 -0.70 12.17 -11.77
C ASP A 115 0.45 11.77 -12.69
N GLN A 116 1.43 11.02 -12.18
CA GLN A 116 2.46 10.40 -12.99
C GLN A 116 2.27 8.90 -13.10
N GLN A 117 1.08 8.40 -12.79
CA GLN A 117 0.80 6.96 -12.74
C GLN A 117 -0.38 6.63 -13.64
N ARG A 118 -0.24 5.55 -14.41
CA ARG A 118 -1.35 4.96 -15.13
C ARG A 118 -1.43 3.48 -14.79
N LEU A 119 -2.64 3.01 -14.54
CA LEU A 119 -2.87 1.64 -14.13
C LEU A 119 -3.70 0.91 -15.18
N ILE A 120 -3.25 -0.29 -15.54
CA ILE A 120 -3.89 -1.13 -16.54
C ILE A 120 -4.36 -2.40 -15.85
N PHE A 121 -5.60 -2.82 -16.14
CA PHE A 121 -6.11 -4.11 -15.71
C PHE A 121 -6.69 -4.83 -16.91
N ALA A 122 -5.96 -5.83 -17.41
CA ALA A 122 -6.40 -6.64 -18.54
C ALA A 122 -6.72 -5.78 -19.77
N GLY A 123 -5.85 -4.81 -20.04
CA GLY A 123 -5.91 -4.00 -21.24
C GLY A 123 -6.58 -2.66 -21.06
N LYS A 124 -7.45 -2.51 -20.06
CA LYS A 124 -8.20 -1.28 -19.86
C LYS A 124 -7.46 -0.35 -18.90
N GLN A 125 -7.24 0.89 -19.32
CA GLN A 125 -6.77 1.90 -18.39
C GLN A 125 -7.91 2.28 -17.45
N LEU A 126 -7.54 2.59 -16.21
CA LEU A 126 -8.51 2.76 -15.14
C LEU A 126 -8.68 4.25 -14.84
N GLU A 127 -9.89 4.75 -15.09
CA GLU A 127 -10.20 6.14 -14.76
C GLU A 127 -10.14 6.34 -13.24
N ASP A 128 -9.65 7.52 -12.83
CA ASP A 128 -9.47 7.79 -11.41
C ASP A 128 -10.78 7.81 -10.65
N GLY A 129 -11.88 8.17 -11.33
CA GLY A 129 -13.16 8.27 -10.64
C GLY A 129 -13.72 6.91 -10.23
N ARG A 130 -13.50 5.89 -11.04
CA ARG A 130 -14.06 4.57 -10.79
C ARG A 130 -13.44 3.96 -9.54
N THR A 131 -14.07 2.90 -9.04
CA THR A 131 -13.57 2.13 -7.92
C THR A 131 -13.22 0.72 -8.37
N LEU A 132 -12.60 -0.04 -7.46
CA LEU A 132 -12.13 -1.38 -7.79
C LEU A 132 -13.30 -2.30 -8.15
N SER A 133 -14.44 -2.14 -7.49
CA SER A 133 -15.60 -2.98 -7.79
C SER A 133 -16.20 -2.65 -9.15
N ASP A 134 -16.00 -1.41 -9.62
CA ASP A 134 -16.43 -1.06 -10.97
C ASP A 134 -15.74 -1.93 -12.00
N TYR A 135 -14.41 -1.98 -11.95
CA TYR A 135 -13.64 -2.86 -12.83
C TYR A 135 -13.61 -4.30 -12.33
N ASN A 136 -14.29 -4.59 -11.23
CA ASN A 136 -14.31 -5.93 -10.62
C ASN A 136 -12.91 -6.49 -10.45
N ILE A 137 -12.00 -5.63 -9.98
CA ILE A 137 -10.68 -6.07 -9.56
C ILE A 137 -10.84 -6.83 -8.24
N GLN A 138 -10.63 -8.14 -8.28
CA GLN A 138 -10.69 -8.90 -7.05
C GLN A 138 -9.32 -8.90 -6.38
N LYS A 139 -9.25 -9.56 -5.23
CA LYS A 139 -8.00 -9.68 -4.49
C LYS A 139 -7.00 -10.51 -5.30
N GLU A 140 -5.72 -10.18 -5.17
CA GLU A 140 -4.60 -10.89 -5.77
C GLU A 140 -4.58 -10.80 -7.29
N SER A 141 -5.39 -9.93 -7.88
CA SER A 141 -5.28 -9.68 -9.32
C SER A 141 -4.07 -8.80 -9.59
N THR A 142 -3.61 -8.83 -10.84
CA THR A 142 -2.39 -8.15 -11.23
C THR A 142 -2.72 -6.96 -12.12
N LEU A 143 -2.13 -5.82 -11.80
CA LEU A 143 -2.26 -4.60 -12.58
C LEU A 143 -0.89 -4.21 -13.13
N HIS A 144 -0.90 -3.42 -14.18
CA HIS A 144 0.31 -2.85 -14.76
C HIS A 144 0.38 -1.38 -14.41
N LEU A 145 1.53 -0.94 -13.90
CA LEU A 145 1.76 0.47 -13.61
C LEU A 145 2.77 0.99 -14.63
N VAL A 146 2.38 2.01 -15.37
CA VAL A 146 3.31 2.74 -16.23
C VAL A 146 3.43 4.16 -15.70
N LEU A 147 4.64 4.69 -15.74
CA LEU A 147 4.94 5.99 -15.14
C LEU A 147 5.10 7.04 -16.22
N ARG A 148 4.58 8.23 -15.93
CA ARG A 148 4.65 9.34 -16.87
C ARG A 148 6.02 10.01 -16.80
N LEU A 149 6.31 10.79 -17.83
CA LEU A 149 7.49 11.65 -17.81
C LEU A 149 7.25 12.95 -17.07
N ARG A 150 6.00 13.25 -16.72
CA ARG A 150 5.66 14.52 -16.09
C ARG A 150 4.25 14.43 -15.53
N GLY A 151 4.03 15.16 -14.44
CA GLY A 151 2.70 15.37 -13.91
C GLY A 151 2.05 16.57 -14.56
N GLY A 152 1.03 17.11 -13.88
CA GLY A 152 0.32 18.26 -14.42
C GLY A 152 0.95 19.60 -14.12
N MET A 153 1.75 19.69 -13.07
CA MET A 153 2.29 20.96 -12.60
C MET A 153 3.82 20.91 -12.57
N GLN A 154 4.44 21.89 -13.22
CA GLN A 154 5.89 22.06 -13.18
C GLN A 154 6.22 23.50 -12.83
N ILE A 155 7.35 23.69 -12.15
CA ILE A 155 7.85 25.03 -11.84
C ILE A 155 9.28 25.15 -12.33
N PHE A 156 9.77 26.38 -12.34
CA PHE A 156 11.13 26.68 -12.77
C PHE A 156 11.95 27.17 -11.61
N VAL A 157 13.24 26.84 -11.62
CA VAL A 157 14.19 27.30 -10.63
C VAL A 157 15.42 27.83 -11.35
N LYS A 158 15.88 29.01 -10.95
CA LYS A 158 17.12 29.58 -11.45
C LYS A 158 18.24 29.19 -10.49
N THR A 159 19.21 28.42 -10.98
CA THR A 159 20.28 27.85 -10.17
C THR A 159 21.26 28.91 -9.71
N LEU A 160 22.46 28.49 -9.28
CA LEU A 160 23.43 29.46 -8.78
C LEU A 160 24.10 30.21 -9.92
N THR A 161 24.24 29.58 -11.10
CA THR A 161 24.39 30.34 -12.32
C THR A 161 22.98 30.62 -12.87
N GLY A 162 22.91 31.39 -13.94
CA GLY A 162 21.62 31.83 -14.44
C GLY A 162 20.75 30.77 -15.09
N LYS A 163 21.16 29.50 -14.99
CA LYS A 163 20.51 28.44 -15.73
C LYS A 163 19.20 28.02 -15.08
N THR A 164 18.27 27.57 -15.92
CA THR A 164 16.93 27.18 -15.50
C THR A 164 16.80 25.68 -15.44
N ILE A 165 16.20 25.18 -14.35
CA ILE A 165 15.79 23.80 -14.24
C ILE A 165 14.28 23.77 -14.02
N THR A 166 13.68 22.62 -14.32
CA THR A 166 12.25 22.42 -14.14
C THR A 166 12.02 21.34 -13.09
N LEU A 167 10.99 21.53 -12.27
CA LEU A 167 10.66 20.65 -11.18
C LEU A 167 9.23 20.15 -11.33
N GLU A 168 9.04 18.85 -11.15
CA GLU A 168 7.72 18.25 -11.04
C GLU A 168 7.22 18.48 -9.61
N VAL A 169 6.18 19.28 -9.45
CA VAL A 169 5.68 19.62 -8.13
C VAL A 169 4.17 19.44 -8.08
N GLU A 170 3.67 19.29 -6.86
CA GLU A 170 2.27 19.35 -6.50
C GLU A 170 2.05 20.56 -5.61
N PRO A 171 0.86 21.18 -5.64
CA PRO A 171 0.59 22.24 -4.67
C PRO A 171 0.68 21.73 -3.24
N SER A 172 0.43 20.43 -3.04
CA SER A 172 0.61 19.78 -1.75
C SER A 172 2.04 19.88 -1.24
N ASP A 173 3.03 20.06 -2.12
CA ASP A 173 4.42 19.89 -1.71
C ASP A 173 4.88 21.01 -0.80
N THR A 174 5.61 20.63 0.25
CA THR A 174 6.26 21.58 1.13
C THR A 174 7.62 21.96 0.56
N ILE A 175 8.13 23.10 1.02
CA ILE A 175 9.39 23.60 0.49
C ILE A 175 10.55 22.66 0.82
N GLU A 176 10.41 21.81 1.84
CA GLU A 176 11.40 20.76 2.06
C GLU A 176 11.40 19.77 0.89
N ASN A 177 10.23 19.41 0.38
CA ASN A 177 10.16 18.55 -0.80
C ASN A 177 10.80 19.22 -2.01
N VAL A 178 10.55 20.52 -2.19
CA VAL A 178 11.12 21.25 -3.31
C VAL A 178 12.64 21.31 -3.19
N LYS A 179 13.15 21.55 -1.99
CA LYS A 179 14.59 21.57 -1.76
C LYS A 179 15.20 20.19 -1.99
N ALA A 180 14.47 19.12 -1.66
CA ALA A 180 14.94 17.77 -1.93
C ALA A 180 15.01 17.51 -3.44
N LYS A 181 14.01 17.99 -4.18
CA LYS A 181 14.06 17.84 -5.64
C LYS A 181 15.21 18.63 -6.24
N ILE A 182 15.44 19.84 -5.74
CA ILE A 182 16.56 20.66 -6.19
C ILE A 182 17.87 19.94 -5.89
N GLN A 183 17.96 19.28 -4.75
CA GLN A 183 19.15 18.48 -4.43
C GLN A 183 19.31 17.33 -5.41
N ASP A 184 18.22 16.62 -5.69
CA ASP A 184 18.27 15.48 -6.61
C ASP A 184 18.62 15.92 -8.03
N LYS A 185 18.39 17.18 -8.39
CA LYS A 185 18.69 17.66 -9.73
C LYS A 185 19.86 18.65 -9.77
N GLU A 186 20.56 18.87 -8.66
CA GLU A 186 21.57 19.93 -8.62
C GLU A 186 22.67 19.70 -7.59
N GLY A 187 22.38 18.91 -6.55
CA GLY A 187 23.40 18.48 -5.62
C GLY A 187 23.67 19.40 -4.44
N ILE A 188 22.87 20.45 -4.25
CA ILE A 188 23.02 21.34 -3.11
C ILE A 188 22.23 20.74 -1.95
N PRO A 189 22.85 20.53 -0.79
CA PRO A 189 22.10 20.09 0.40
C PRO A 189 20.99 21.07 0.71
N PRO A 190 19.79 20.58 1.07
CA PRO A 190 18.63 21.48 1.21
C PRO A 190 18.84 22.65 2.15
N ASP A 191 19.58 22.50 3.24
CA ASP A 191 19.79 23.64 4.13
C ASP A 191 21.01 24.47 3.76
N GLN A 192 21.65 24.18 2.63
CA GLN A 192 22.52 25.13 1.96
C GLN A 192 21.76 25.97 0.95
N GLN A 193 20.43 25.83 0.88
CA GLN A 193 19.64 26.50 -0.13
C GLN A 193 18.66 27.49 0.49
N ARG A 194 18.43 28.58 -0.22
CA ARG A 194 17.38 29.55 0.06
C ARG A 194 16.57 29.75 -1.21
N LEU A 195 15.27 29.65 -1.10
CA LEU A 195 14.36 29.82 -2.23
C LEU A 195 13.68 31.16 -2.13
N ILE A 196 13.69 31.93 -3.23
CA ILE A 196 13.11 33.25 -3.27
C ILE A 196 12.03 33.30 -4.34
N PHE A 197 10.90 33.91 -3.98
CA PHE A 197 9.78 34.10 -4.88
C PHE A 197 9.10 35.41 -4.51
N ALA A 198 8.84 36.25 -5.52
CA ALA A 198 8.21 37.55 -5.33
C ALA A 198 8.97 38.41 -4.34
N GLY A 199 10.30 38.25 -4.29
CA GLY A 199 11.12 38.94 -3.33
C GLY A 199 11.15 38.32 -1.95
N LYS A 200 10.15 37.52 -1.59
CA LYS A 200 10.10 36.82 -0.32
C LYS A 200 10.93 35.54 -0.39
N GLN A 201 11.28 34.99 0.78
CA GLN A 201 11.90 33.67 0.84
C GLN A 201 11.01 32.73 1.65
N LEU A 202 11.10 31.44 1.31
CA LEU A 202 10.10 30.46 1.70
C LEU A 202 10.66 29.58 2.82
N GLU A 203 9.96 29.58 3.96
CA GLU A 203 10.31 28.68 5.04
C GLU A 203 10.02 27.24 4.66
N ASP A 204 10.71 26.31 5.33
CA ASP A 204 10.64 24.90 5.01
C ASP A 204 9.41 24.19 5.56
N GLY A 205 8.43 24.94 6.06
CA GLY A 205 7.26 24.32 6.67
C GLY A 205 6.00 24.45 5.85
N ARG A 206 5.79 25.60 5.23
CA ARG A 206 4.56 25.85 4.48
C ARG A 206 4.67 25.28 3.07
N THR A 207 3.51 24.97 2.50
CA THR A 207 3.43 24.38 1.18
C THR A 207 3.52 25.45 0.10
N LEU A 208 3.45 25.04 -1.17
CA LEU A 208 3.53 25.99 -2.26
C LEU A 208 2.23 26.76 -2.46
N SER A 209 1.10 26.19 -2.01
CA SER A 209 -0.15 26.93 -2.06
C SER A 209 -0.13 28.12 -1.10
N ASP A 210 0.49 27.94 0.07
CA ASP A 210 0.58 29.00 1.06
C ASP A 210 1.28 30.25 0.52
N TYR A 211 2.13 30.10 -0.49
CA TYR A 211 2.78 31.22 -1.15
C TYR A 211 2.21 31.50 -2.54
N ASN A 212 1.10 30.86 -2.90
CA ASN A 212 0.49 30.99 -4.23
C ASN A 212 1.52 30.77 -5.34
N ILE A 213 2.31 29.70 -5.20
CA ILE A 213 3.24 29.29 -6.24
C ILE A 213 2.41 28.56 -7.30
N GLN A 214 2.02 29.27 -8.35
CA GLN A 214 1.21 28.67 -9.40
C GLN A 214 2.09 27.96 -10.41
N LYS A 215 1.44 27.29 -11.37
CA LYS A 215 2.16 26.56 -12.40
C LYS A 215 3.07 27.49 -13.20
N GLU A 216 4.25 27.00 -13.54
CA GLU A 216 5.23 27.72 -14.34
C GLU A 216 5.74 28.98 -13.63
N SER A 217 5.71 28.99 -12.30
CA SER A 217 6.32 30.08 -11.54
C SER A 217 7.83 29.87 -11.46
N THR A 218 8.56 30.96 -11.32
CA THR A 218 10.01 30.96 -11.41
C THR A 218 10.61 31.34 -10.06
N LEU A 219 11.16 30.35 -9.36
CA LEU A 219 11.88 30.54 -8.12
C LEU A 219 13.34 30.85 -8.40
N HIS A 220 13.99 31.52 -7.44
CA HIS A 220 15.42 31.80 -7.53
C HIS A 220 16.14 31.09 -6.38
N LEU A 221 17.28 30.48 -6.67
CA LEU A 221 18.04 29.74 -5.68
C LEU A 221 19.24 30.53 -5.20
N VAL A 222 19.52 30.46 -3.91
CA VAL A 222 20.65 31.14 -3.29
C VAL A 222 21.35 30.16 -2.36
N LEU A 223 22.67 30.32 -2.25
CA LEU A 223 23.47 29.56 -1.29
C LEU A 223 23.51 30.29 0.05
N ARG A 224 23.58 29.51 1.13
CA ARG A 224 23.72 30.09 2.46
C ARG A 224 24.94 29.54 3.19
N ARG B 37 10.93 6.80 34.90
CA ARG B 37 10.71 5.83 33.82
C ARG B 37 10.41 4.44 34.38
N LYS B 38 9.26 4.30 35.02
CA LYS B 38 8.80 3.00 35.52
C LYS B 38 7.50 2.58 34.87
N GLN B 39 6.51 3.47 34.81
CA GLN B 39 5.28 3.13 34.09
C GLN B 39 5.48 3.19 32.58
N GLU B 40 6.46 3.97 32.12
CA GLU B 40 6.85 3.94 30.72
C GLU B 40 7.33 2.56 30.31
N LEU B 41 8.11 1.92 31.21
CA LEU B 41 8.64 0.59 30.89
C LEU B 41 7.53 -0.45 30.79
N VAL B 42 6.60 -0.49 31.76
CA VAL B 42 5.54 -1.49 31.71
C VAL B 42 4.57 -1.19 30.57
N THR B 43 4.31 0.09 30.30
CA THR B 43 3.40 0.43 29.21
C THR B 43 3.97 0.01 27.86
N GLN B 44 5.23 0.39 27.59
CA GLN B 44 5.89 -0.07 26.37
C GLN B 44 6.01 -1.58 26.34
N ASN B 45 6.18 -2.22 27.49
CA ASN B 45 6.24 -3.68 27.58
C ASN B 45 4.96 -4.31 27.06
N GLU B 46 3.82 -3.92 27.64
CA GLU B 46 2.54 -4.48 27.22
C GLU B 46 2.24 -4.14 25.77
N LEU B 47 2.59 -2.93 25.34
CA LEU B 47 2.41 -2.57 23.92
C LEU B 47 3.20 -3.51 23.03
N LEU B 48 4.43 -3.85 23.42
CA LEU B 48 5.25 -4.73 22.60
C LEU B 48 4.71 -6.16 22.57
N LYS B 49 4.22 -6.65 23.72
CA LYS B 49 3.59 -7.97 23.71
C LYS B 49 2.39 -7.99 22.77
N GLN B 50 1.57 -6.94 22.82
CA GLN B 50 0.45 -6.84 21.89
C GLN B 50 0.94 -6.83 20.45
N GLN B 51 2.03 -6.13 20.18
CA GLN B 51 2.53 -6.03 18.81
C GLN B 51 3.04 -7.37 18.31
N VAL B 52 3.67 -8.17 19.17
CA VAL B 52 4.11 -9.49 18.72
C VAL B 52 2.91 -10.39 18.46
N LYS B 53 1.86 -10.29 19.28
CA LYS B 53 0.66 -11.07 19.01
C LYS B 53 0.04 -10.66 17.67
N ILE B 54 -0.01 -9.35 17.41
CA ILE B 54 -0.61 -8.85 16.18
C ILE B 54 0.20 -9.28 14.96
N PHE B 55 1.52 -9.19 15.06
CA PHE B 55 2.36 -9.56 13.92
C PHE B 55 2.30 -11.07 13.66
N GLU B 56 2.21 -11.88 14.73
CA GLU B 56 2.03 -13.31 14.54
C GLU B 56 0.71 -13.59 13.84
N GLU B 57 -0.35 -12.86 14.20
CA GLU B 57 -1.64 -13.06 13.53
C GLU B 57 -1.55 -12.69 12.05
N ASP B 58 -0.88 -11.58 11.74
CA ASP B 58 -0.73 -11.19 10.33
C ASP B 58 0.07 -12.22 9.56
N PHE B 59 1.10 -12.79 10.18
CA PHE B 59 1.86 -13.85 9.53
C PHE B 59 0.99 -15.07 9.28
N GLN B 60 0.17 -15.44 10.26
CA GLN B 60 -0.77 -16.55 10.08
C GLN B 60 -1.67 -16.31 8.88
N ARG B 61 -2.17 -15.08 8.74
CA ARG B 61 -3.05 -14.77 7.62
C ARG B 61 -2.30 -14.87 6.28
N GLU B 62 -1.07 -14.38 6.23
CA GLU B 62 -0.31 -14.47 5.00
C GLU B 62 -0.01 -15.92 4.63
N ARG B 63 0.27 -16.76 5.62
CA ARG B 63 0.48 -18.17 5.33
C ARG B 63 -0.81 -18.84 4.86
N SER B 64 -1.94 -18.45 5.44
CA SER B 64 -3.23 -18.92 4.94
C SER B 64 -3.38 -18.62 3.45
N ASP B 65 -3.13 -17.37 3.07
CA ASP B 65 -3.29 -16.99 1.68
C ASP B 65 -2.29 -17.70 0.77
N ARG B 66 -1.08 -17.95 1.27
CA ARG B 66 -0.10 -18.74 0.52
C ARG B 66 -0.61 -20.16 0.27
N GLU B 67 -1.20 -20.79 1.29
CA GLU B 67 -1.76 -22.12 1.14
C GLU B 67 -2.86 -22.15 0.08
N ARG B 68 -3.77 -21.18 0.16
CA ARG B 68 -4.86 -21.13 -0.82
C ARG B 68 -4.33 -20.91 -2.23
N MET B 69 -3.29 -20.07 -2.36
CA MET B 69 -2.59 -19.92 -3.63
C MET B 69 -2.10 -21.27 -4.17
N ASN B 70 -1.51 -22.08 -3.29
CA ASN B 70 -1.03 -23.39 -3.73
C ASN B 70 -2.19 -24.29 -4.18
N GLU B 71 -3.33 -24.20 -3.50
CA GLU B 71 -4.49 -25.01 -3.91
C GLU B 71 -4.97 -24.60 -5.30
N GLU B 72 -4.99 -23.28 -5.57
CA GLU B 72 -5.34 -22.81 -6.91
C GLU B 72 -4.36 -23.34 -7.95
N LYS B 73 -3.06 -23.32 -7.62
CA LYS B 73 -2.06 -23.87 -8.54
C LYS B 73 -2.32 -25.35 -8.82
N GLU B 74 -2.70 -26.11 -7.79
CA GLU B 74 -2.99 -27.53 -7.95
C GLU B 74 -4.14 -27.75 -8.93
N GLU B 75 -5.24 -27.01 -8.74
CA GLU B 75 -6.37 -27.22 -9.65
C GLU B 75 -6.05 -26.75 -11.06
N LEU B 76 -5.18 -25.73 -11.20
CA LEU B 76 -4.75 -25.32 -12.54
C LEU B 76 -3.92 -26.42 -13.22
N LYS B 77 -3.09 -27.12 -12.45
CA LYS B 77 -2.34 -28.24 -13.02
C LYS B 77 -3.28 -29.36 -13.48
N LYS B 78 -4.30 -29.66 -12.67
CA LYS B 78 -5.29 -30.64 -13.09
C LYS B 78 -5.97 -30.22 -14.39
N GLN B 79 -6.36 -28.94 -14.48
CA GLN B 79 -6.96 -28.44 -15.72
C GLN B 79 -6.02 -28.60 -16.90
N VAL B 80 -4.72 -28.34 -16.69
CA VAL B 80 -3.74 -28.51 -17.75
C VAL B 80 -3.75 -29.94 -18.28
N GLU B 81 -3.62 -30.91 -17.37
CA GLU B 81 -3.59 -32.31 -17.80
C GLU B 81 -4.86 -32.69 -18.56
N LYS B 82 -6.02 -32.30 -18.01
CA LYS B 82 -7.29 -32.64 -18.65
C LYS B 82 -7.39 -32.05 -20.05
N LEU B 83 -7.04 -30.77 -20.19
CA LEU B 83 -7.19 -30.10 -21.48
C LEU B 83 -6.22 -30.66 -22.51
N GLN B 84 -5.00 -31.00 -22.09
CA GLN B 84 -4.07 -31.64 -23.03
C GLN B 84 -4.62 -32.98 -23.50
N ALA B 85 -5.18 -33.78 -22.59
CA ALA B 85 -5.76 -35.06 -23.00
C ALA B 85 -6.91 -34.85 -23.99
N GLN B 86 -7.76 -33.86 -23.73
CA GLN B 86 -8.88 -33.58 -24.65
C GLN B 86 -8.38 -33.14 -26.02
N VAL B 87 -7.34 -32.30 -26.05
CA VAL B 87 -6.76 -31.86 -27.32
C VAL B 87 -6.22 -33.05 -28.09
N THR B 88 -5.52 -33.96 -27.41
CA THR B 88 -5.02 -35.16 -28.06
C THR B 88 -6.17 -35.96 -28.68
N LEU B 89 -7.22 -36.21 -27.90
CA LEU B 89 -8.34 -37.01 -28.38
C LEU B 89 -8.94 -36.41 -29.65
N SER B 90 -9.13 -35.09 -29.66
CA SER B 90 -9.81 -34.44 -30.78
C SER B 90 -8.90 -34.32 -32.00
N ASN B 91 -7.60 -34.11 -31.78
CA ASN B 91 -6.66 -34.12 -32.91
C ASN B 91 -6.64 -35.48 -33.59
N THR B 92 -6.64 -36.55 -32.79
CA THR B 92 -6.70 -37.89 -33.36
C THR B 92 -7.99 -38.10 -34.15
N GLN B 93 -9.14 -37.82 -33.52
CA GLN B 93 -10.42 -37.94 -34.21
C GLN B 93 -10.40 -37.17 -35.53
N LEU B 94 -9.87 -35.95 -35.49
CA LEU B 94 -9.91 -35.05 -36.65
C LEU B 94 -9.11 -35.62 -37.82
N LYS B 95 -7.83 -35.89 -37.60
CA LYS B 95 -7.02 -36.36 -38.71
C LYS B 95 -7.35 -37.80 -39.10
N ALA B 96 -8.04 -38.55 -38.24
CA ALA B 96 -8.36 -39.95 -38.53
C ALA B 96 -9.67 -40.08 -39.30
N PHE B 97 -10.80 -39.81 -38.63
CA PHE B 97 -12.10 -40.13 -39.21
C PHE B 97 -12.38 -39.39 -40.50
N LYS B 98 -11.85 -38.18 -40.61
CA LYS B 98 -11.95 -37.36 -41.80
C LYS B 98 -10.52 -37.36 -42.32
N ASP B 99 -10.39 -37.67 -43.62
CA ASP B 99 -9.08 -37.91 -44.33
C ASP B 99 -7.85 -37.79 -43.43
N ARG C 37 11.60 -4.06 40.55
CA ARG C 37 11.45 -4.74 39.27
C ARG C 37 11.57 -3.74 38.12
N LYS C 38 12.80 -3.32 37.81
CA LYS C 38 13.05 -2.36 36.75
C LYS C 38 14.07 -2.82 35.70
N GLN C 39 14.88 -3.84 35.99
CA GLN C 39 15.90 -4.31 35.05
C GLN C 39 15.47 -5.58 34.30
N GLU C 40 14.84 -6.53 34.98
CA GLU C 40 14.16 -7.60 34.26
C GLU C 40 13.23 -7.03 33.21
N LEU C 41 12.58 -5.91 33.51
CA LEU C 41 11.65 -5.28 32.59
C LEU C 41 12.37 -4.72 31.35
N VAL C 42 13.50 -4.06 31.56
CA VAL C 42 14.20 -3.50 30.40
C VAL C 42 14.78 -4.62 29.53
N THR C 43 15.25 -5.71 30.15
CA THR C 43 15.75 -6.81 29.34
C THR C 43 14.63 -7.50 28.57
N GLN C 44 13.46 -7.65 29.20
CA GLN C 44 12.32 -8.17 28.45
C GLN C 44 11.94 -7.23 27.31
N ASN C 45 12.12 -5.91 27.50
CA ASN C 45 11.76 -4.97 26.44
C ASN C 45 12.71 -5.07 25.26
N GLU C 46 14.02 -5.19 25.50
CA GLU C 46 14.94 -5.38 24.38
C GLU C 46 14.68 -6.70 23.66
N LEU C 47 14.43 -7.77 24.43
CA LEU C 47 14.09 -9.05 23.81
C LEU C 47 12.81 -8.93 22.97
N LEU C 48 11.81 -8.20 23.45
CA LEU C 48 10.56 -8.04 22.71
C LEU C 48 10.76 -7.20 21.45
N LYS C 49 11.64 -6.19 21.51
CA LYS C 49 11.91 -5.41 20.30
C LYS C 49 12.58 -6.27 19.22
N GLN C 50 13.57 -7.08 19.61
CA GLN C 50 14.16 -7.98 18.63
C GLN C 50 13.17 -9.02 18.13
N GLN C 51 12.24 -9.45 18.99
CA GLN C 51 11.20 -10.39 18.56
C GLN C 51 10.30 -9.78 17.51
N VAL C 52 9.86 -8.53 17.73
CA VAL C 52 9.04 -7.82 16.74
C VAL C 52 9.80 -7.72 15.42
N LYS C 53 11.08 -7.36 15.50
CA LYS C 53 11.89 -7.24 14.29
C LYS C 53 11.92 -8.55 13.51
N ILE C 54 12.22 -9.66 14.18
CA ILE C 54 12.31 -10.93 13.47
C ILE C 54 10.93 -11.37 12.97
N PHE C 55 9.86 -11.00 13.65
CA PHE C 55 8.54 -11.41 13.21
C PHE C 55 8.15 -10.72 11.90
N GLU C 56 8.42 -9.42 11.79
CA GLU C 56 8.08 -8.73 10.54
C GLU C 56 9.06 -9.12 9.43
N GLU C 57 10.28 -9.49 9.79
CA GLU C 57 11.21 -10.10 8.83
C GLU C 57 10.59 -11.35 8.21
N ASP C 58 10.09 -12.26 9.06
CA ASP C 58 9.45 -13.48 8.57
C ASP C 58 8.19 -13.16 7.77
N PHE C 59 7.45 -12.13 8.17
CA PHE C 59 6.27 -11.73 7.40
C PHE C 59 6.65 -11.35 5.99
N GLN C 60 7.70 -10.52 5.83
CA GLN C 60 8.14 -10.14 4.50
C GLN C 60 8.64 -11.35 3.71
N ARG C 61 9.27 -12.31 4.39
CA ARG C 61 9.68 -13.54 3.71
C ARG C 61 8.48 -14.28 3.14
N GLU C 62 7.44 -14.48 3.95
CA GLU C 62 6.26 -15.18 3.47
C GLU C 62 5.55 -14.40 2.37
N ARG C 63 5.56 -13.07 2.45
CA ARG C 63 4.96 -12.26 1.41
C ARG C 63 5.72 -12.41 0.09
N SER C 64 7.05 -12.47 0.16
CA SER C 64 7.84 -12.69 -1.05
C SER C 64 7.53 -14.05 -1.67
N ASP C 65 7.45 -15.09 -0.83
CA ASP C 65 7.08 -16.41 -1.33
C ASP C 65 5.71 -16.37 -1.99
N ARG C 66 4.75 -15.66 -1.39
CA ARG C 66 3.41 -15.56 -1.96
C ARG C 66 3.44 -14.82 -3.30
N GLU C 67 4.28 -13.79 -3.42
CA GLU C 67 4.41 -13.07 -4.68
C GLU C 67 4.90 -13.99 -5.79
N ARG C 68 5.98 -14.74 -5.52
CA ARG C 68 6.48 -15.67 -6.53
C ARG C 68 5.45 -16.74 -6.86
N MET C 69 4.71 -17.19 -5.85
CA MET C 69 3.65 -18.18 -6.08
C MET C 69 2.57 -17.61 -7.00
N ASN C 70 2.19 -16.35 -6.80
CA ASN C 70 1.23 -15.71 -7.69
C ASN C 70 1.76 -15.65 -9.12
N GLU C 71 3.07 -15.39 -9.27
CA GLU C 71 3.70 -15.44 -10.58
C GLU C 71 3.52 -16.81 -11.23
N GLU C 72 3.77 -17.87 -10.47
CA GLU C 72 3.64 -19.22 -11.02
C GLU C 72 2.19 -19.55 -11.36
N LYS C 73 1.24 -19.05 -10.56
CA LYS C 73 -0.17 -19.22 -10.87
C LYS C 73 -0.53 -18.52 -12.18
N GLU C 74 0.06 -17.34 -12.41
CA GLU C 74 -0.22 -16.63 -13.67
C GLU C 74 0.36 -17.39 -14.86
N GLU C 75 1.54 -17.98 -14.70
CA GLU C 75 2.09 -18.85 -15.74
C GLU C 75 1.12 -19.98 -16.08
N LEU C 76 0.67 -20.70 -15.04
CA LEU C 76 -0.29 -21.78 -15.27
C LEU C 76 -1.58 -21.26 -15.91
N LYS C 77 -1.99 -20.04 -15.56
CA LYS C 77 -3.21 -19.47 -16.12
C LYS C 77 -3.07 -19.26 -17.62
N LYS C 78 -1.96 -18.67 -18.06
CA LYS C 78 -1.74 -18.49 -19.50
C LYS C 78 -1.70 -19.84 -20.22
N GLN C 79 -1.11 -20.85 -19.56
CA GLN C 79 -1.09 -22.19 -20.14
C GLN C 79 -2.51 -22.70 -20.39
N VAL C 80 -3.36 -22.64 -19.37
CA VAL C 80 -4.73 -23.13 -19.56
C VAL C 80 -5.48 -22.25 -20.55
N GLU C 81 -5.09 -20.98 -20.69
CA GLU C 81 -5.70 -20.12 -21.70
C GLU C 81 -5.48 -20.69 -23.10
N LYS C 82 -4.22 -20.96 -23.46
CA LYS C 82 -3.97 -21.45 -24.81
C LYS C 82 -4.54 -22.86 -25.00
N LEU C 83 -4.54 -23.67 -23.93
CA LEU C 83 -5.15 -24.99 -24.05
C LEU C 83 -6.65 -24.88 -24.32
N GLN C 84 -7.35 -24.00 -23.60
CA GLN C 84 -8.77 -23.77 -23.87
C GLN C 84 -8.99 -23.26 -25.29
N ALA C 85 -8.09 -22.41 -25.78
CA ALA C 85 -8.22 -21.89 -27.14
C ALA C 85 -8.18 -23.02 -28.17
N GLN C 86 -7.17 -23.89 -28.08
CA GLN C 86 -7.06 -24.98 -29.05
C GLN C 86 -8.18 -26.00 -28.87
N VAL C 87 -8.65 -26.20 -27.63
CA VAL C 87 -9.80 -27.08 -27.42
C VAL C 87 -11.02 -26.55 -28.16
N THR C 88 -11.27 -25.24 -28.05
CA THR C 88 -12.45 -24.68 -28.72
C THR C 88 -12.31 -24.73 -30.24
N LEU C 89 -11.10 -24.55 -30.78
CA LEU C 89 -10.97 -24.56 -32.23
C LEU C 89 -11.11 -25.99 -32.78
N SER C 90 -10.53 -26.98 -32.08
CA SER C 90 -10.75 -28.36 -32.49
C SER C 90 -12.20 -28.77 -32.31
N ASN C 91 -12.90 -28.18 -31.32
CA ASN C 91 -14.32 -28.42 -31.15
C ASN C 91 -15.13 -27.88 -32.32
N THR C 92 -14.82 -26.66 -32.77
CA THR C 92 -15.58 -26.09 -33.88
C THR C 92 -15.26 -26.81 -35.19
N GLN C 93 -14.00 -27.23 -35.36
CA GLN C 93 -13.66 -28.06 -36.52
C GLN C 93 -14.44 -29.36 -36.52
N LEU C 94 -14.54 -30.01 -35.35
CA LEU C 94 -15.31 -31.24 -35.24
C LEU C 94 -16.79 -31.00 -35.55
N LYS C 95 -17.38 -30.00 -34.90
CA LYS C 95 -18.81 -29.73 -35.09
C LYS C 95 -19.12 -29.35 -36.54
N ALA C 96 -18.20 -28.65 -37.20
CA ALA C 96 -18.40 -28.32 -38.60
C ALA C 96 -18.29 -29.55 -39.49
N PHE C 97 -17.32 -30.42 -39.20
CA PHE C 97 -17.09 -31.58 -40.07
C PHE C 97 -18.17 -32.64 -39.91
N LYS C 98 -18.90 -32.64 -38.81
CA LYS C 98 -20.00 -33.59 -38.62
C LYS C 98 -21.29 -33.03 -39.19
#